data_7P2Q
#
_entry.id   7P2Q
#
_cell.length_a   1.00
_cell.length_b   1.00
_cell.length_c   1.00
_cell.angle_alpha   90.00
_cell.angle_beta   90.00
_cell.angle_gamma   90.00
#
_symmetry.space_group_name_H-M   'P 1'
#
loop_
_entity.id
_entity.type
_entity.pdbx_description
1 polymer 'Signal peptidase complex catalytic subunit SEC11C'
2 polymer 'Signal peptidase complex subunit 3'
3 polymer 'Signal peptidase complex subunit 2'
4 polymer 'Signal peptidase complex subunit 1'
5 branched alpha-D-mannopyranose-(1-3)-[alpha-D-mannopyranose-(1-6)]beta-D-mannopyranose-(1-4)-2-acetamido-2-deoxy-beta-D-glucopyranose-(1-4)-2-acetamido-2-deoxy-beta-D-glucopyranose
#
loop_
_entity_poly.entity_id
_entity_poly.type
_entity_poly.pdbx_seq_one_letter_code
_entity_poly.pdbx_strand_id
1 'polypeptide(L)'
;PMVRAGAVGAHLPASGLDIFGDLKKMNKRQLYYQVLNFAMIVSSALMIWKGLIVLTGSESPIVVVLSGSMEPAFHRGDLL
FLTNFREDPIRAGEIVVFKVEGRDIPIVHRVIKVHEKDNGDIKFLTKGDNNEVDDRGLYKEGQNWLEKKDVVGRARGFLP
YVGMVTIIMNDYPKFKYALLAVMGAYVLLKRESGGSPGGSGGGSAENLYFQ
;
A
2 'polypeptide(L)'
;PMNTVLSRANSLFAFSLSVMAALTFGCFITTAFKDRSVPVRLHVSRIMLKNVEDFTGPRERSDLGFITFDITADLENIFD
WNVKQLFLYLSAEYSTKNNALNQVVLWDKIVLRGDNPKLLLKDMKTKYFFFDDGNGLKGNRNVTLTLSWNVVPNAGILPL
VTGSGHVSVPFPDTYEITKSYGSGEGRGSLLTCGDVEENPG
;
B
3 'polypeptide(L)'
;MAAAAVQGGRSGGSGGCSGAGGASNCGTGSGRSGLLDKWKIDDKPVKIDKWDGSAVKNSLDDSAKKVLLEKYKYVENFGL
IDGRLTICTISCFFAIVALIWDYMHPFPESKPVLALCVISYFVMMGILTIYTSYKEKSIFLVAHRKDPTGMDPDDIWQLS
SSLKRFDDKYTLKLTFISGRTKQQREAEFTKSIAKFFDHSGTLVMDAYEPEISRLHDSLAIERKIKGSGQCTNYALLKLA
GDVESNPG
;
C
4 'polypeptide(L)'
;PMARGGDTGCTGPSETSASGAAAIALPGLEGPATDAQCQTLPLTVLKSRSPSPRSLPPALSCPPPQPAMLEHLSSLPTQM
DYKGQKLAEQMFQGIILFSAIVGFIYGYVAEQFGWTVYIVMAGFAFSCLLTLPPWPIYRRHPLKWLPVQESSTDDKKPGE
RKIKRHAKNNGSGATNFSLLKQAGDVEENPG
;
D
#
# COMPACT_ATOMS: atom_id res chain seq x y z
N MET A 26 29.40 23.53 -14.91
CA MET A 26 28.23 22.85 -15.43
C MET A 26 26.95 23.62 -15.07
N ASN A 27 25.82 23.13 -15.55
CA ASN A 27 24.52 23.71 -15.24
C ASN A 27 24.03 23.15 -13.92
N LYS A 28 23.75 24.03 -12.95
CA LYS A 28 23.34 23.60 -11.63
C LYS A 28 21.89 23.13 -11.59
N ARG A 29 21.09 23.46 -12.62
CA ARG A 29 19.67 23.15 -12.60
C ARG A 29 19.41 21.64 -12.66
N GLN A 30 20.28 20.90 -13.35
CA GLN A 30 20.17 19.45 -13.37
C GLN A 30 20.46 18.86 -11.99
N LEU A 31 21.43 19.45 -11.28
CA LEU A 31 21.73 19.00 -9.92
C LEU A 31 20.57 19.29 -8.98
N TYR A 32 19.96 20.48 -9.09
CA TYR A 32 18.81 20.78 -8.25
C TYR A 32 17.59 19.92 -8.61
N TYR A 33 17.45 19.55 -9.88
CA TYR A 33 16.34 18.66 -10.26
C TYR A 33 16.57 17.24 -9.76
N GLN A 34 17.83 16.78 -9.74
CA GLN A 34 18.11 15.46 -9.17
C GLN A 34 17.90 15.46 -7.66
N VAL A 35 18.26 16.56 -6.98
CA VAL A 35 17.97 16.70 -5.56
C VAL A 35 16.47 16.75 -5.31
N LEU A 36 15.72 17.39 -6.23
CA LEU A 36 14.27 17.43 -6.15
C LEU A 36 13.64 16.05 -6.26
N ASN A 37 14.09 15.25 -7.25
CA ASN A 37 13.51 13.92 -7.44
C ASN A 37 13.90 12.96 -6.32
N PHE A 38 15.15 13.05 -5.85
CA PHE A 38 15.61 12.27 -4.70
C PHE A 38 14.82 12.63 -3.45
N ALA A 39 14.56 13.93 -3.26
CA ALA A 39 13.77 14.41 -2.13
C ALA A 39 12.34 13.87 -2.19
N MET A 40 11.74 13.88 -3.38
CA MET A 40 10.39 13.36 -3.57
C MET A 40 10.31 11.88 -3.20
N ILE A 41 11.21 11.06 -3.76
CA ILE A 41 11.08 9.62 -3.54
C ILE A 41 11.44 9.24 -2.10
N VAL A 42 12.47 9.86 -1.52
CA VAL A 42 12.90 9.51 -0.17
C VAL A 42 11.89 10.01 0.86
N SER A 43 11.41 11.25 0.70
CA SER A 43 10.43 11.80 1.62
C SER A 43 9.11 11.06 1.52
N SER A 44 8.70 10.63 0.32
CA SER A 44 7.46 9.88 0.16
C SER A 44 7.55 8.51 0.83
N ALA A 45 8.63 7.77 0.55
CA ALA A 45 8.77 6.42 1.11
C ALA A 45 8.91 6.44 2.62
N LEU A 46 9.78 7.32 3.15
CA LEU A 46 9.97 7.37 4.59
C LEU A 46 8.77 8.00 5.30
N MET A 47 8.02 8.86 4.60
CA MET A 47 6.81 9.42 5.20
C MET A 47 5.72 8.36 5.31
N ILE A 48 5.57 7.51 4.29
CA ILE A 48 4.60 6.42 4.36
C ILE A 48 4.98 5.44 5.47
N TRP A 49 6.28 5.10 5.56
CA TRP A 49 6.76 4.17 6.58
C TRP A 49 6.55 4.73 7.99
N LYS A 50 6.99 5.97 8.23
CA LYS A 50 6.88 6.54 9.56
C LYS A 50 5.44 6.89 9.92
N GLY A 51 4.61 7.28 8.95
CA GLY A 51 3.21 7.54 9.23
C GLY A 51 2.44 6.28 9.60
N LEU A 52 2.74 5.16 8.91
CA LEU A 52 2.12 3.90 9.29
C LEU A 52 2.59 3.43 10.67
N ILE A 53 3.90 3.49 10.94
CA ILE A 53 4.36 3.01 12.25
C ILE A 53 4.04 3.96 13.39
N VAL A 54 3.64 5.19 13.11
CA VAL A 54 3.10 6.04 14.17
C VAL A 54 1.61 5.79 14.36
N LEU A 55 0.84 5.72 13.27
CA LEU A 55 -0.61 5.57 13.40
C LEU A 55 -1.03 4.18 13.84
N THR A 56 -0.15 3.17 13.75
CA THR A 56 -0.47 1.89 14.38
C THR A 56 -0.42 2.00 15.90
N GLY A 57 0.65 2.56 16.45
CA GLY A 57 0.80 2.68 17.90
C GLY A 57 2.02 1.94 18.42
N SER A 58 2.28 0.76 17.90
CA SER A 58 3.52 0.05 18.19
C SER A 58 4.58 0.43 17.17
N GLU A 59 5.73 -0.26 17.24
CA GLU A 59 6.77 0.01 16.26
C GLU A 59 6.44 -0.57 14.89
N SER A 60 5.60 -1.63 14.85
CA SER A 60 4.91 -2.24 13.71
C SER A 60 5.70 -2.36 12.40
N PRO A 61 6.69 -3.25 12.31
CA PRO A 61 7.32 -3.47 11.00
C PRO A 61 6.40 -4.22 10.05
N ILE A 62 6.45 -3.81 8.79
CA ILE A 62 5.70 -4.48 7.73
C ILE A 62 6.49 -5.73 7.36
N VAL A 63 6.10 -6.88 7.92
CA VAL A 63 6.96 -8.06 7.89
C VAL A 63 6.58 -8.95 6.72
N VAL A 64 7.50 -9.84 6.36
CA VAL A 64 7.32 -10.79 5.26
C VAL A 64 7.60 -12.18 5.79
N VAL A 65 6.65 -13.10 5.59
CA VAL A 65 6.80 -14.47 6.06
C VAL A 65 7.82 -15.19 5.19
N LEU A 66 8.89 -15.69 5.81
CA LEU A 66 9.94 -16.43 5.11
C LEU A 66 10.05 -17.87 5.58
N SER A 67 9.09 -18.35 6.38
CA SER A 67 9.11 -19.71 6.89
C SER A 67 7.88 -20.46 6.39
N GLY A 68 8.06 -21.76 6.13
CA GLY A 68 6.97 -22.58 5.63
C GLY A 68 6.26 -23.39 6.69
N SER A 69 6.20 -22.85 7.91
CA SER A 69 5.50 -23.54 8.99
C SER A 69 4.00 -23.35 8.91
N MET A 70 3.56 -22.16 8.49
CA MET A 70 2.13 -21.83 8.37
C MET A 70 1.60 -22.01 6.96
N GLU A 71 2.10 -23.02 6.23
CA GLU A 71 1.86 -23.12 4.79
C GLU A 71 0.40 -23.32 4.38
N PRO A 72 -0.46 -24.08 5.08
CA PRO A 72 -1.89 -24.02 4.71
C PRO A 72 -2.54 -22.69 5.04
N ALA A 73 -1.99 -21.91 5.97
CA ALA A 73 -2.54 -20.60 6.29
C ALA A 73 -1.87 -19.49 5.50
N PHE A 74 -0.55 -19.39 5.60
CA PHE A 74 0.23 -18.35 4.93
C PHE A 74 1.36 -19.01 4.16
N HIS A 75 1.34 -18.88 2.83
CA HIS A 75 2.36 -19.49 2.01
C HIS A 75 3.67 -18.69 2.09
N ARG A 76 4.69 -19.18 1.39
CA ARG A 76 5.98 -18.52 1.37
C ARG A 76 5.91 -17.22 0.57
N GLY A 77 6.37 -16.14 1.17
CA GLY A 77 6.31 -14.84 0.52
C GLY A 77 4.97 -14.16 0.66
N ASP A 78 4.56 -13.87 1.90
CA ASP A 78 3.34 -13.14 2.18
C ASP A 78 3.64 -11.96 3.08
N LEU A 79 3.00 -10.83 2.80
CA LEU A 79 3.20 -9.61 3.57
C LEU A 79 2.20 -9.56 4.72
N LEU A 80 2.66 -9.12 5.88
CA LEU A 80 1.82 -8.98 7.06
C LEU A 80 2.01 -7.57 7.64
N PHE A 81 0.91 -6.85 7.83
CA PHE A 81 0.93 -5.58 8.53
C PHE A 81 0.24 -5.70 9.88
N LEU A 82 0.85 -5.08 10.88
CA LEU A 82 0.60 -5.31 12.30
C LEU A 82 -0.33 -4.21 12.83
N THR A 83 -0.82 -4.41 14.05
CA THR A 83 -1.54 -3.37 14.77
C THR A 83 -1.03 -3.33 16.20
N ASN A 84 -1.59 -2.43 17.01
CA ASN A 84 -1.19 -2.26 18.39
C ASN A 84 -1.93 -3.27 19.28
N PHE A 85 -1.52 -3.35 20.55
CA PHE A 85 -2.26 -4.19 21.49
C PHE A 85 -3.61 -3.59 21.81
N ARG A 86 -3.73 -2.26 21.73
CA ARG A 86 -5.00 -1.52 21.65
C ARG A 86 -5.81 -1.67 22.94
N GLU A 87 -5.10 -1.48 24.06
CA GLU A 87 -5.65 -1.55 25.43
C GLU A 87 -6.40 -2.86 25.70
N ASP A 88 -5.90 -3.96 25.15
CA ASP A 88 -6.60 -5.24 25.18
C ASP A 88 -5.60 -6.31 25.62
N PRO A 89 -5.87 -7.05 26.69
CA PRO A 89 -5.02 -8.20 27.04
C PRO A 89 -5.15 -9.30 25.98
N ILE A 90 -4.02 -9.75 25.47
CA ILE A 90 -3.98 -10.70 24.37
C ILE A 90 -4.35 -12.08 24.90
N ARG A 91 -5.53 -12.57 24.52
CA ARG A 91 -5.98 -13.89 24.93
C ARG A 91 -5.46 -14.93 23.93
N ALA A 92 -5.93 -16.17 24.07
CA ALA A 92 -5.52 -17.23 23.17
C ALA A 92 -6.30 -17.14 21.85
N GLY A 93 -5.66 -17.61 20.78
CA GLY A 93 -6.29 -17.60 19.47
C GLY A 93 -5.83 -16.45 18.59
N GLU A 94 -4.62 -15.94 18.84
CA GLU A 94 -4.04 -14.87 18.05
C GLU A 94 -2.61 -15.22 17.70
N ILE A 95 -2.14 -14.70 16.58
CA ILE A 95 -0.77 -14.90 16.15
C ILE A 95 0.11 -13.76 16.65
N VAL A 96 1.30 -14.12 17.11
CA VAL A 96 2.27 -13.18 17.66
C VAL A 96 3.57 -13.27 16.87
N VAL A 97 4.27 -12.14 16.81
CA VAL A 97 5.51 -12.02 16.06
C VAL A 97 6.59 -11.58 17.04
N PHE A 98 7.55 -12.45 17.30
CA PHE A 98 8.68 -12.10 18.15
C PHE A 98 9.97 -12.19 17.33
N LYS A 99 11.11 -12.00 18.00
CA LYS A 99 12.40 -11.97 17.35
C LYS A 99 13.30 -13.05 17.92
N VAL A 100 13.84 -13.90 17.04
CA VAL A 100 14.83 -14.90 17.43
C VAL A 100 16.19 -14.24 17.39
N GLU A 101 16.88 -14.25 18.54
CA GLU A 101 18.17 -13.59 18.68
C GLU A 101 19.32 -14.46 18.18
N GLY A 102 19.16 -15.79 18.19
CA GLY A 102 20.17 -16.66 17.65
C GLY A 102 20.32 -16.57 16.14
N ARG A 103 19.27 -16.15 15.46
CA ARG A 103 19.34 -15.84 14.03
C ARG A 103 18.94 -14.40 13.72
N ASP A 104 18.43 -13.66 14.71
CA ASP A 104 17.97 -12.26 14.58
C ASP A 104 16.89 -12.13 13.51
N ILE A 105 15.90 -13.01 13.57
CA ILE A 105 14.85 -13.05 12.54
C ILE A 105 13.49 -12.92 13.20
N PRO A 106 12.60 -12.06 12.70
CA PRO A 106 11.23 -12.04 13.22
C PRO A 106 10.45 -13.28 12.78
N ILE A 107 9.90 -14.00 13.75
CA ILE A 107 9.19 -15.25 13.54
C ILE A 107 7.79 -15.12 14.16
N VAL A 108 6.78 -15.58 13.41
CA VAL A 108 5.38 -15.57 13.83
C VAL A 108 4.98 -16.97 14.29
N HIS A 109 4.21 -17.04 15.37
CA HIS A 109 3.61 -18.28 15.85
C HIS A 109 2.19 -17.94 16.34
N ARG A 110 1.53 -18.91 16.97
CA ARG A 110 0.13 -18.78 17.35
C ARG A 110 -0.06 -19.18 18.81
N VAL A 111 -0.82 -18.38 19.55
CA VAL A 111 -0.97 -18.58 20.99
C VAL A 111 -1.97 -19.69 21.25
N ILE A 112 -1.60 -20.63 22.12
CA ILE A 112 -2.47 -21.75 22.50
C ILE A 112 -2.90 -21.64 23.96
N LYS A 113 -1.95 -21.67 24.89
CA LYS A 113 -2.23 -21.58 26.31
C LYS A 113 -2.01 -20.16 26.78
N VAL A 114 -2.45 -19.87 28.01
CA VAL A 114 -2.37 -18.52 28.56
C VAL A 114 -2.34 -18.60 30.08
N HIS A 115 -1.66 -17.64 30.71
CA HIS A 115 -1.56 -17.54 32.16
C HIS A 115 -1.75 -16.08 32.56
N GLU A 116 -2.37 -15.85 33.72
CA GLU A 116 -2.75 -14.52 34.17
C GLU A 116 -2.23 -14.25 35.58
N LYS A 117 -1.74 -13.03 35.81
CA LYS A 117 -1.38 -12.56 37.14
C LYS A 117 -1.93 -11.15 37.30
N ASP A 118 -2.48 -10.85 38.48
CA ASP A 118 -3.22 -9.61 38.70
C ASP A 118 -2.30 -8.49 39.19
N ASN A 119 -1.24 -8.25 38.42
CA ASN A 119 -0.42 -7.04 38.60
C ASN A 119 0.04 -6.46 37.27
N GLY A 120 -0.58 -6.87 36.17
CA GLY A 120 -0.12 -6.47 34.84
C GLY A 120 0.80 -7.46 34.18
N ASP A 121 0.86 -8.70 34.66
CA ASP A 121 1.75 -9.72 34.12
C ASP A 121 0.90 -10.82 33.51
N ILE A 122 1.08 -11.06 32.21
CA ILE A 122 0.35 -12.10 31.49
C ILE A 122 1.37 -12.95 30.75
N LYS A 123 1.40 -14.24 31.05
CA LYS A 123 2.24 -15.19 30.36
C LYS A 123 1.41 -16.00 29.36
N PHE A 124 2.10 -16.56 28.37
CA PHE A 124 1.39 -17.25 27.30
C PHE A 124 2.29 -18.33 26.71
N LEU A 125 1.65 -19.30 26.06
CA LEU A 125 2.34 -20.36 25.34
C LEU A 125 1.97 -20.27 23.87
N THR A 126 2.92 -20.61 22.99
CA THR A 126 2.70 -20.47 21.57
C THR A 126 3.17 -21.74 20.86
N LYS A 127 2.81 -21.83 19.58
CA LYS A 127 3.05 -23.03 18.79
C LYS A 127 3.02 -22.64 17.32
N GLY A 128 3.77 -23.39 16.51
CA GLY A 128 3.69 -23.24 15.07
C GLY A 128 3.06 -24.44 14.40
N ASP A 129 2.43 -24.23 13.25
CA ASP A 129 1.87 -25.34 12.51
C ASP A 129 2.97 -26.17 11.87
N ASN A 130 2.63 -27.42 11.52
CA ASN A 130 3.55 -28.44 11.04
C ASN A 130 4.71 -28.68 12.00
N ASN A 131 4.43 -28.62 13.30
CA ASN A 131 5.40 -28.84 14.36
C ASN A 131 4.79 -29.76 15.41
N GLU A 132 5.65 -30.29 16.28
CA GLU A 132 5.21 -31.24 17.30
C GLU A 132 5.69 -30.82 18.69
N VAL A 133 6.77 -30.05 18.74
CA VAL A 133 7.44 -29.69 19.99
C VAL A 133 7.18 -28.21 20.27
N ASP A 134 6.83 -27.90 21.51
CA ASP A 134 6.71 -26.51 21.95
C ASP A 134 8.07 -25.83 21.88
N ASP A 135 8.09 -24.60 21.39
CA ASP A 135 9.33 -23.88 21.18
C ASP A 135 9.91 -23.42 22.52
N ARG A 136 11.19 -23.73 22.74
CA ARG A 136 11.84 -23.39 24.00
C ARG A 136 12.21 -21.91 24.04
N GLY A 137 13.04 -21.47 23.10
CA GLY A 137 13.44 -20.08 23.04
C GLY A 137 14.43 -19.68 24.11
N LEU A 138 13.97 -18.88 25.07
CA LEU A 138 14.84 -18.39 26.14
C LEU A 138 14.81 -19.30 27.36
N TYR A 139 13.63 -19.49 27.94
CA TYR A 139 13.46 -20.34 29.11
C TYR A 139 13.00 -21.73 28.69
N LYS A 140 13.44 -22.74 29.44
CA LYS A 140 13.12 -24.13 29.13
C LYS A 140 12.28 -24.80 30.20
N GLU A 141 12.74 -24.79 31.46
CA GLU A 141 12.02 -25.48 32.52
C GLU A 141 11.90 -24.69 33.83
N GLY A 142 12.69 -23.62 34.03
CA GLY A 142 12.63 -22.91 35.29
C GLY A 142 11.46 -21.97 35.41
N GLN A 143 10.95 -21.49 34.29
CA GLN A 143 9.84 -20.53 34.25
C GLN A 143 8.90 -20.97 33.14
N ASN A 144 8.03 -20.06 32.71
CA ASN A 144 7.18 -20.32 31.56
C ASN A 144 8.00 -20.35 30.27
N TRP A 145 7.32 -20.72 29.18
CA TRP A 145 8.01 -21.16 27.97
C TRP A 145 8.64 -19.98 27.22
N LEU A 146 7.89 -18.90 27.01
CA LEU A 146 8.45 -17.72 26.37
C LEU A 146 8.09 -16.46 27.16
N GLU A 147 8.65 -15.34 26.71
CA GLU A 147 8.60 -14.08 27.43
C GLU A 147 7.61 -13.12 26.76
N LYS A 148 6.91 -12.35 27.59
CA LYS A 148 5.89 -11.42 27.13
C LYS A 148 6.45 -10.13 26.54
N LYS A 149 7.75 -9.89 26.64
CA LYS A 149 8.33 -8.64 26.18
C LYS A 149 9.04 -8.76 24.84
N ASP A 150 9.22 -9.98 24.31
CA ASP A 150 9.82 -10.16 23.01
C ASP A 150 8.83 -10.01 21.86
N VAL A 151 7.53 -9.96 22.16
CA VAL A 151 6.52 -9.80 21.12
C VAL A 151 6.52 -8.35 20.63
N VAL A 152 6.31 -8.17 19.33
CA VAL A 152 6.22 -6.82 18.78
C VAL A 152 4.78 -6.33 18.83
N GLY A 153 3.83 -7.18 18.45
CA GLY A 153 2.43 -6.80 18.52
C GLY A 153 1.56 -7.89 17.93
N ARG A 154 0.25 -7.66 18.01
CA ARG A 154 -0.73 -8.55 17.41
C ARG A 154 -0.93 -8.19 15.95
N ALA A 155 -1.00 -9.21 15.09
CA ALA A 155 -1.13 -8.99 13.67
C ALA A 155 -2.53 -8.55 13.29
N ARG A 156 -2.62 -7.74 12.23
CA ARG A 156 -3.89 -7.23 11.75
C ARG A 156 -4.27 -7.81 10.39
N GLY A 157 -3.43 -7.65 9.38
CA GLY A 157 -3.83 -8.08 8.06
C GLY A 157 -2.65 -8.55 7.22
N PHE A 158 -2.96 -9.03 6.02
CA PHE A 158 -1.96 -9.66 5.18
C PHE A 158 -2.27 -9.39 3.71
N LEU A 159 -1.24 -9.52 2.88
CA LEU A 159 -1.32 -9.44 1.43
C LEU A 159 -0.60 -10.66 0.85
N PRO A 160 -1.25 -11.44 -0.01
CA PRO A 160 -0.59 -12.62 -0.57
C PRO A 160 0.20 -12.33 -1.83
N TYR A 161 -0.01 -11.16 -2.43
CA TYR A 161 0.58 -10.85 -3.74
C TYR A 161 1.87 -10.06 -3.63
N VAL A 162 1.98 -9.16 -2.64
CA VAL A 162 3.12 -8.26 -2.58
C VAL A 162 4.34 -8.98 -2.02
N GLY A 163 4.13 -9.98 -1.16
CA GLY A 163 5.25 -10.70 -0.56
C GLY A 163 6.05 -11.54 -1.54
N MET A 164 5.39 -12.05 -2.59
CA MET A 164 6.11 -12.74 -3.65
C MET A 164 7.03 -11.79 -4.41
N VAL A 165 6.55 -10.56 -4.66
CA VAL A 165 7.37 -9.53 -5.27
C VAL A 165 8.52 -9.14 -4.34
N THR A 166 8.29 -9.16 -3.03
CA THR A 166 9.35 -8.89 -2.06
C THR A 166 10.42 -9.98 -2.08
N ILE A 167 10.00 -11.24 -2.21
CA ILE A 167 10.96 -12.35 -2.32
C ILE A 167 11.75 -12.26 -3.62
N ILE A 168 11.09 -11.86 -4.72
CA ILE A 168 11.77 -11.67 -6.00
C ILE A 168 12.80 -10.53 -5.91
N MET A 169 12.45 -9.45 -5.22
CA MET A 169 13.41 -8.36 -5.02
C MET A 169 14.52 -8.76 -4.06
N ASN A 170 14.26 -9.68 -3.13
CA ASN A 170 15.28 -10.18 -2.22
C ASN A 170 16.13 -11.28 -2.85
N ASP A 171 15.76 -11.78 -4.03
CA ASP A 171 16.62 -12.71 -4.75
C ASP A 171 17.90 -12.05 -5.23
N TYR A 172 17.87 -10.74 -5.50
CA TYR A 172 19.04 -9.96 -5.86
C TYR A 172 19.21 -8.84 -4.83
N PRO A 173 19.86 -9.12 -3.70
CA PRO A 173 20.05 -8.10 -2.65
C PRO A 173 21.09 -7.05 -3.03
N ASN B 3 4.06 8.26 -30.48
CA ASN B 3 3.91 7.40 -29.31
C ASN B 3 4.94 6.26 -29.37
N THR B 4 5.27 5.72 -28.21
CA THR B 4 6.25 4.65 -28.09
C THR B 4 5.53 3.40 -27.62
N VAL B 5 5.98 2.23 -28.13
CA VAL B 5 5.43 0.96 -27.69
C VAL B 5 5.74 0.71 -26.22
N LEU B 6 6.90 1.20 -25.74
CA LEU B 6 7.21 1.13 -24.31
C LEU B 6 6.28 2.03 -23.50
N SER B 7 5.85 3.15 -24.07
CA SER B 7 4.87 4.00 -23.40
C SER B 7 3.50 3.33 -23.33
N ARG B 8 3.13 2.60 -24.38
CA ARG B 8 1.89 1.81 -24.34
C ARG B 8 1.99 0.67 -23.33
N ALA B 9 3.18 0.09 -23.19
CA ALA B 9 3.39 -0.94 -22.18
C ALA B 9 3.33 -0.36 -20.77
N ASN B 10 3.83 0.86 -20.57
CA ASN B 10 3.70 1.53 -19.28
C ASN B 10 2.25 1.88 -18.98
N SER B 11 1.49 2.26 -20.02
CA SER B 11 0.06 2.51 -19.83
C SER B 11 -0.70 1.23 -19.48
N LEU B 12 -0.32 0.11 -20.10
CA LEU B 12 -0.92 -1.17 -19.74
C LEU B 12 -0.51 -1.63 -18.36
N PHE B 13 0.70 -1.27 -17.90
CA PHE B 13 1.10 -1.58 -16.54
C PHE B 13 0.33 -0.74 -15.53
N ALA B 14 0.08 0.53 -15.85
CA ALA B 14 -0.77 1.35 -14.99
C ALA B 14 -2.22 0.86 -15.00
N PHE B 15 -2.67 0.32 -16.13
CA PHE B 15 -4.00 -0.27 -16.18
C PHE B 15 -4.08 -1.58 -15.41
N SER B 16 -2.97 -2.34 -15.37
CA SER B 16 -2.92 -3.51 -14.51
C SER B 16 -2.92 -3.14 -13.04
N LEU B 17 -2.28 -2.01 -12.69
CA LEU B 17 -2.40 -1.46 -11.33
C LEU B 17 -3.82 -1.03 -11.05
N SER B 18 -4.54 -0.52 -12.07
CA SER B 18 -5.96 -0.21 -11.90
C SER B 18 -6.80 -1.47 -11.72
N VAL B 19 -6.41 -2.57 -12.37
CA VAL B 19 -7.06 -3.86 -12.14
C VAL B 19 -6.82 -4.35 -10.71
N MET B 20 -5.60 -4.14 -10.20
CA MET B 20 -5.31 -4.45 -8.80
C MET B 20 -6.13 -3.60 -7.84
N ALA B 21 -6.30 -2.32 -8.16
CA ALA B 21 -7.17 -1.45 -7.36
C ALA B 21 -8.63 -1.86 -7.47
N ALA B 22 -9.04 -2.38 -8.63
CA ALA B 22 -10.43 -2.81 -8.80
C ALA B 22 -10.72 -4.09 -8.01
N LEU B 23 -9.75 -5.02 -7.98
CA LEU B 23 -9.96 -6.22 -7.16
C LEU B 23 -9.85 -5.89 -5.67
N THR B 24 -9.03 -4.90 -5.30
CA THR B 24 -9.02 -4.42 -3.92
C THR B 24 -10.34 -3.77 -3.56
N PHE B 25 -10.96 -3.05 -4.50
CA PHE B 25 -12.27 -2.44 -4.29
C PHE B 25 -13.36 -3.50 -4.17
N GLY B 26 -13.26 -4.57 -4.96
CA GLY B 26 -14.20 -5.67 -4.85
C GLY B 26 -14.07 -6.42 -3.53
N CYS B 27 -12.83 -6.62 -3.07
CA CYS B 27 -12.63 -7.20 -1.75
C CYS B 27 -13.10 -6.27 -0.63
N PHE B 28 -13.03 -4.96 -0.86
CA PHE B 28 -13.55 -4.00 0.13
C PHE B 28 -15.08 -4.06 0.18
N ILE B 29 -15.73 -4.25 -0.97
CA ILE B 29 -17.17 -4.47 -1.00
C ILE B 29 -17.52 -5.77 -0.30
N THR B 30 -16.71 -6.81 -0.49
CA THR B 30 -16.97 -8.12 0.12
C THR B 30 -16.81 -8.06 1.64
N THR B 31 -15.74 -7.42 2.13
CA THR B 31 -15.56 -7.25 3.57
C THR B 31 -16.54 -6.25 4.16
N ALA B 32 -17.07 -5.33 3.36
CA ALA B 32 -18.13 -4.44 3.82
C ALA B 32 -19.50 -5.10 3.82
N PHE B 33 -19.64 -6.26 3.17
CA PHE B 33 -20.90 -6.98 3.20
C PHE B 33 -21.01 -7.89 4.43
N LYS B 34 -19.88 -8.42 4.89
CA LYS B 34 -19.85 -9.29 6.07
C LYS B 34 -19.60 -8.52 7.36
N ASP B 35 -20.39 -7.45 7.56
CA ASP B 35 -20.24 -6.64 8.77
C ASP B 35 -20.80 -7.34 10.00
N ARG B 36 -21.74 -8.26 9.81
CA ARG B 36 -22.31 -9.00 10.94
C ARG B 36 -21.47 -10.24 11.24
N SER B 37 -21.41 -10.57 12.53
CA SER B 37 -20.74 -11.79 12.97
C SER B 37 -21.72 -12.96 12.95
N VAL B 38 -21.22 -14.11 12.51
CA VAL B 38 -22.05 -15.30 12.32
C VAL B 38 -22.09 -16.10 13.61
N PRO B 39 -23.26 -16.57 14.05
CA PRO B 39 -23.32 -17.47 15.21
C PRO B 39 -23.26 -18.94 14.79
N VAL B 40 -22.68 -19.75 15.67
CA VAL B 40 -22.58 -21.18 15.48
C VAL B 40 -23.19 -21.87 16.70
N ARG B 41 -24.17 -22.74 16.45
CA ARG B 41 -24.81 -23.46 17.54
C ARG B 41 -23.91 -24.60 18.02
N LEU B 42 -23.71 -24.69 19.33
CA LEU B 42 -22.93 -25.75 19.94
C LEU B 42 -23.79 -26.53 20.92
N HIS B 43 -23.57 -27.84 20.97
CA HIS B 43 -24.29 -28.72 21.88
C HIS B 43 -23.32 -29.76 22.43
N VAL B 44 -22.98 -29.62 23.71
CA VAL B 44 -22.09 -30.56 24.39
C VAL B 44 -22.89 -31.17 25.53
N SER B 45 -22.97 -32.50 25.55
CA SER B 45 -23.84 -33.22 26.48
C SER B 45 -23.07 -33.97 27.56
N ARG B 46 -22.14 -34.85 27.19
CA ARG B 46 -21.46 -35.72 28.14
C ARG B 46 -19.99 -35.35 28.20
N ILE B 47 -19.53 -34.95 29.38
CA ILE B 47 -18.13 -34.60 29.62
C ILE B 47 -17.63 -35.45 30.78
N MET B 48 -16.52 -36.15 30.57
CA MET B 48 -15.89 -36.98 31.58
C MET B 48 -14.52 -36.41 31.92
N LEU B 49 -14.23 -36.28 33.22
CA LEU B 49 -12.95 -35.77 33.71
C LEU B 49 -12.24 -36.89 34.44
N LYS B 50 -11.06 -37.26 33.95
CA LYS B 50 -10.28 -38.34 34.56
C LYS B 50 -8.80 -38.00 34.47
N ASN B 51 -7.99 -38.92 35.01
CA ASN B 51 -6.51 -38.83 35.03
C ASN B 51 -6.03 -37.55 35.71
N VAL B 52 -6.52 -37.32 36.92
CA VAL B 52 -6.14 -36.15 37.71
C VAL B 52 -4.94 -36.57 38.56
N GLU B 53 -3.74 -36.19 38.12
CA GLU B 53 -2.50 -36.58 38.77
C GLU B 53 -1.76 -35.33 39.22
N ASP B 54 -1.37 -35.31 40.50
CA ASP B 54 -0.63 -34.20 41.08
C ASP B 54 0.86 -34.49 40.92
N PHE B 55 1.55 -33.68 40.12
CA PHE B 55 2.96 -33.86 39.83
C PHE B 55 3.75 -32.68 40.39
N THR B 56 4.77 -32.98 41.18
CA THR B 56 5.63 -31.96 41.78
C THR B 56 6.60 -31.45 40.72
N GLY B 57 6.18 -30.41 40.01
CA GLY B 57 7.01 -29.81 38.98
C GLY B 57 8.13 -28.99 39.56
N PRO B 58 9.27 -28.94 38.86
CA PRO B 58 10.41 -28.14 39.35
C PRO B 58 10.15 -26.63 39.33
N ARG B 59 9.26 -26.14 38.47
CA ARG B 59 8.99 -24.71 38.42
C ARG B 59 7.77 -24.30 39.24
N GLU B 60 6.81 -25.21 39.43
CA GLU B 60 5.55 -24.97 40.12
C GLU B 60 4.87 -26.31 40.32
N ARG B 61 4.17 -26.46 41.46
CA ARG B 61 3.39 -27.66 41.75
C ARG B 61 2.23 -27.74 40.77
N SER B 62 2.34 -28.62 39.78
CA SER B 62 1.40 -28.70 38.67
C SER B 62 0.47 -29.89 38.83
N ASP B 63 -0.51 -29.97 37.93
CA ASP B 63 -1.50 -31.03 37.92
C ASP B 63 -1.84 -31.40 36.49
N LEU B 64 -1.99 -32.70 36.25
CA LEU B 64 -2.32 -33.23 34.93
C LEU B 64 -3.81 -33.51 34.83
N GLY B 65 -4.39 -33.23 33.67
CA GLY B 65 -5.80 -33.45 33.45
C GLY B 65 -6.05 -34.14 32.12
N PHE B 66 -7.26 -34.69 32.00
CA PHE B 66 -7.66 -35.41 30.80
C PHE B 66 -9.18 -35.39 30.71
N ILE B 67 -9.71 -34.85 29.63
CA ILE B 67 -11.15 -34.61 29.48
C ILE B 67 -11.64 -35.31 28.22
N THR B 68 -12.68 -36.13 28.37
CA THR B 68 -13.39 -36.73 27.25
C THR B 68 -14.72 -36.00 27.07
N PHE B 69 -14.99 -35.53 25.86
CA PHE B 69 -16.09 -34.60 25.61
C PHE B 69 -16.89 -35.05 24.39
N ASP B 70 -17.92 -34.27 24.07
CA ASP B 70 -18.77 -34.48 22.90
C ASP B 70 -18.89 -33.17 22.14
N ILE B 71 -19.18 -33.27 20.84
CA ILE B 71 -19.37 -32.10 19.99
C ILE B 71 -20.63 -32.27 19.14
N THR B 72 -21.29 -31.15 18.87
CA THR B 72 -22.42 -31.09 17.93
C THR B 72 -22.51 -29.66 17.44
N ALA B 73 -22.21 -29.43 16.17
CA ALA B 73 -22.15 -28.09 15.61
C ALA B 73 -22.92 -28.05 14.29
N ASP B 74 -22.93 -26.87 13.67
CA ASP B 74 -23.61 -26.66 12.40
C ASP B 74 -22.86 -25.58 11.64
N LEU B 75 -22.55 -25.86 10.38
CA LEU B 75 -21.78 -24.95 9.52
C LEU B 75 -22.48 -24.77 8.18
N GLU B 76 -23.79 -24.50 8.23
CA GLU B 76 -24.57 -24.36 7.00
C GLU B 76 -24.34 -23.02 6.33
N ASN B 77 -24.68 -21.92 7.02
CA ASN B 77 -24.53 -20.58 6.47
C ASN B 77 -23.20 -19.93 6.86
N ILE B 78 -22.18 -20.73 7.17
CA ILE B 78 -20.91 -20.18 7.61
C ILE B 78 -19.95 -19.99 6.45
N PHE B 79 -19.91 -20.96 5.54
CA PHE B 79 -18.92 -20.96 4.46
C PHE B 79 -19.23 -19.90 3.41
N ASP B 80 -18.20 -19.17 3.00
CA ASP B 80 -18.31 -18.23 1.89
C ASP B 80 -17.28 -18.60 0.82
N TRP B 81 -17.17 -17.77 -0.22
CA TRP B 81 -16.24 -18.03 -1.31
C TRP B 81 -14.97 -17.19 -1.21
N ASN B 82 -14.67 -16.65 -0.02
CA ASN B 82 -13.46 -15.86 0.16
C ASN B 82 -12.68 -16.21 1.42
N VAL B 83 -13.26 -16.93 2.37
CA VAL B 83 -12.53 -17.34 3.57
C VAL B 83 -11.74 -18.60 3.23
N LYS B 84 -10.45 -18.59 3.55
CA LYS B 84 -9.52 -19.64 3.10
C LYS B 84 -9.53 -20.86 4.01
N GLN B 85 -9.19 -20.68 5.28
CA GLN B 85 -8.94 -21.80 6.17
C GLN B 85 -9.52 -21.48 7.54
N LEU B 86 -9.88 -22.53 8.27
CA LEU B 86 -10.60 -22.41 9.54
C LEU B 86 -9.90 -23.20 10.63
N PHE B 87 -9.78 -22.59 11.81
CA PHE B 87 -9.24 -23.24 13.00
C PHE B 87 -10.37 -23.59 13.96
N LEU B 88 -10.06 -24.50 14.89
CA LEU B 88 -11.01 -24.91 15.93
C LEU B 88 -10.31 -24.91 17.27
N TYR B 89 -10.84 -24.13 18.21
CA TYR B 89 -10.36 -24.07 19.58
C TYR B 89 -11.40 -24.68 20.51
N LEU B 90 -11.03 -24.79 21.80
CA LEU B 90 -11.97 -25.20 22.83
C LEU B 90 -11.49 -24.58 24.15
N SER B 91 -12.10 -23.45 24.51
CA SER B 91 -11.65 -22.67 25.65
C SER B 91 -12.20 -23.26 26.94
N ALA B 92 -11.32 -23.57 27.88
CA ALA B 92 -11.69 -24.08 29.21
C ALA B 92 -11.31 -23.04 30.25
N GLU B 93 -12.31 -22.51 30.95
CA GLU B 93 -12.13 -21.40 31.88
C GLU B 93 -12.15 -21.91 33.32
N TYR B 94 -11.09 -21.61 34.05
CA TYR B 94 -10.88 -22.11 35.41
C TYR B 94 -10.58 -20.93 36.34
N SER B 95 -10.27 -21.25 37.60
CA SER B 95 -10.00 -20.26 38.62
C SER B 95 -8.92 -20.78 39.57
N THR B 96 -8.00 -19.90 39.95
CA THR B 96 -6.86 -20.24 40.81
C THR B 96 -6.86 -19.35 42.05
N LYS B 97 -5.77 -19.45 42.82
CA LYS B 97 -5.53 -18.58 43.96
C LYS B 97 -4.83 -17.29 43.55
N ASN B 98 -3.95 -17.36 42.54
CA ASN B 98 -3.17 -16.21 42.10
C ASN B 98 -3.82 -15.46 40.94
N ASN B 99 -5.16 -15.50 40.86
CA ASN B 99 -5.97 -14.73 39.90
C ASN B 99 -5.63 -15.06 38.45
N ALA B 100 -5.43 -16.35 38.16
CA ALA B 100 -5.21 -16.80 36.78
C ALA B 100 -6.55 -17.26 36.19
N LEU B 101 -7.43 -16.28 35.99
CA LEU B 101 -8.76 -16.51 35.44
C LEU B 101 -8.67 -16.63 33.92
N ASN B 102 -8.18 -17.77 33.48
CA ASN B 102 -7.86 -18.01 32.08
C ASN B 102 -8.82 -18.99 31.44
N GLN B 103 -9.37 -18.61 30.28
CA GLN B 103 -10.02 -19.55 29.38
C GLN B 103 -8.94 -20.09 28.44
N VAL B 104 -8.71 -21.40 28.48
CA VAL B 104 -7.50 -21.96 27.92
C VAL B 104 -7.86 -23.09 26.95
N VAL B 105 -7.01 -23.29 25.94
CA VAL B 105 -7.31 -24.14 24.79
C VAL B 105 -6.73 -25.52 25.04
N LEU B 106 -7.55 -26.56 24.82
CA LEU B 106 -7.06 -27.94 24.91
C LEU B 106 -6.26 -28.32 23.66
N TRP B 107 -6.88 -28.26 22.49
CA TRP B 107 -6.30 -28.79 21.27
C TRP B 107 -6.74 -27.91 20.08
N ASP B 108 -6.21 -28.24 18.90
CA ASP B 108 -6.44 -27.46 17.70
C ASP B 108 -6.75 -28.36 16.52
N LYS B 109 -7.42 -27.81 15.51
CA LYS B 109 -7.85 -28.56 14.34
C LYS B 109 -7.68 -27.70 13.09
N ILE B 110 -7.11 -28.29 12.05
CA ILE B 110 -6.93 -27.64 10.76
C ILE B 110 -8.06 -28.08 9.83
N VAL B 111 -8.75 -27.11 9.24
CA VAL B 111 -9.91 -27.37 8.39
C VAL B 111 -9.73 -26.63 7.08
N LEU B 112 -9.71 -27.36 5.97
CA LEU B 112 -9.61 -26.80 4.64
C LEU B 112 -10.92 -26.98 3.90
N ARG B 113 -11.26 -26.01 3.05
CA ARG B 113 -12.49 -26.06 2.29
C ARG B 113 -12.45 -27.16 1.23
N GLY B 114 -13.64 -27.61 0.85
CA GLY B 114 -13.78 -28.73 -0.06
C GLY B 114 -13.79 -30.09 0.61
N ASP B 115 -13.59 -30.15 1.93
CA ASP B 115 -13.52 -31.41 2.66
C ASP B 115 -14.87 -31.80 3.27
N ASN B 116 -15.42 -30.94 4.11
CA ASN B 116 -16.66 -31.28 4.82
C ASN B 116 -17.44 -30.00 5.16
N PRO B 117 -18.65 -29.84 4.64
CA PRO B 117 -19.45 -28.65 4.98
C PRO B 117 -20.13 -28.73 6.34
N LYS B 118 -20.14 -29.90 6.98
CA LYS B 118 -20.80 -30.05 8.28
C LYS B 118 -20.14 -31.20 9.03
N LEU B 119 -19.53 -30.90 10.18
CA LEU B 119 -18.78 -31.88 10.95
C LEU B 119 -19.52 -32.18 12.23
N LEU B 120 -19.75 -33.46 12.49
CA LEU B 120 -20.38 -33.90 13.74
C LEU B 120 -19.92 -35.31 14.05
N LEU B 121 -19.56 -35.55 15.31
CA LEU B 121 -19.14 -36.86 15.79
C LEU B 121 -19.34 -36.90 17.30
N LYS B 122 -18.87 -37.97 17.94
CA LYS B 122 -19.04 -38.15 19.37
C LYS B 122 -17.75 -38.65 19.99
N ASP B 123 -17.74 -38.63 21.34
CA ASP B 123 -16.78 -39.20 22.30
C ASP B 123 -15.31 -39.20 21.88
N MET B 124 -14.85 -38.10 21.30
CA MET B 124 -13.47 -37.98 20.88
C MET B 124 -12.63 -37.42 22.02
N LYS B 125 -11.48 -38.04 22.26
CA LYS B 125 -10.59 -37.61 23.32
C LYS B 125 -9.66 -36.51 22.81
N THR B 126 -8.96 -35.86 23.75
CA THR B 126 -8.12 -34.72 23.41
C THR B 126 -6.84 -35.14 22.69
N LYS B 127 -6.39 -34.29 21.78
CA LYS B 127 -5.15 -34.56 21.06
C LYS B 127 -3.93 -34.13 21.88
N TYR B 128 -4.01 -32.98 22.53
CA TYR B 128 -2.92 -32.44 23.33
C TYR B 128 -3.20 -32.67 24.81
N PHE B 129 -2.15 -32.97 25.57
CA PHE B 129 -2.29 -33.30 26.98
C PHE B 129 -2.51 -32.03 27.80
N PHE B 130 -3.58 -32.00 28.58
CA PHE B 130 -3.93 -30.85 29.40
C PHE B 130 -3.20 -30.94 30.73
N PHE B 131 -2.37 -29.93 31.02
CA PHE B 131 -1.71 -29.80 32.31
C PHE B 131 -1.63 -28.34 32.66
N ASP B 132 -1.90 -28.01 33.93
CA ASP B 132 -1.90 -26.64 34.41
C ASP B 132 -0.85 -26.49 35.50
N ASP B 133 -0.09 -25.40 35.43
CA ASP B 133 0.94 -25.15 36.42
C ASP B 133 0.35 -24.60 37.71
N GLY B 134 -0.56 -23.65 37.62
CA GLY B 134 -1.14 -23.01 38.78
C GLY B 134 -2.19 -23.81 39.52
N ASN B 135 -2.52 -25.02 39.02
CA ASN B 135 -3.36 -26.09 39.58
C ASN B 135 -4.57 -25.63 40.39
N GLY B 136 -5.28 -24.62 39.89
CA GLY B 136 -6.44 -24.09 40.59
C GLY B 136 -7.69 -24.94 40.52
N LEU B 137 -7.67 -26.02 39.73
CA LEU B 137 -8.83 -26.90 39.67
C LEU B 137 -9.00 -27.69 40.97
N LYS B 138 -7.89 -28.07 41.60
CA LYS B 138 -7.92 -28.81 42.86
C LYS B 138 -8.42 -27.89 43.97
N GLY B 139 -9.66 -28.09 44.39
CA GLY B 139 -10.33 -27.19 45.30
C GLY B 139 -11.36 -26.29 44.66
N ASN B 140 -11.63 -26.45 43.37
CA ASN B 140 -12.61 -25.66 42.64
C ASN B 140 -13.76 -26.56 42.20
N ARG B 141 -14.95 -25.98 42.15
CA ARG B 141 -16.17 -26.67 41.75
C ARG B 141 -16.81 -26.00 40.55
N ASN B 142 -15.99 -25.43 39.66
CA ASN B 142 -16.49 -24.58 38.59
C ASN B 142 -15.44 -24.54 37.48
N VAL B 143 -15.75 -25.16 36.34
CA VAL B 143 -14.96 -24.98 35.13
C VAL B 143 -15.94 -24.73 33.98
N THR B 144 -15.56 -23.80 33.10
CA THR B 144 -16.45 -23.32 32.04
C THR B 144 -15.84 -23.66 30.69
N LEU B 145 -16.62 -24.36 29.86
CA LEU B 145 -16.20 -24.76 28.52
C LEU B 145 -17.02 -24.01 27.48
N THR B 146 -16.33 -23.42 26.50
CA THR B 146 -16.96 -22.67 25.42
C THR B 146 -16.05 -22.76 24.19
N LEU B 147 -16.63 -23.09 23.05
CA LEU B 147 -15.85 -23.28 21.83
C LEU B 147 -15.68 -21.96 21.09
N SER B 148 -14.51 -21.78 20.47
CA SER B 148 -14.22 -20.65 19.60
C SER B 148 -13.51 -21.16 18.34
N TRP B 149 -13.52 -20.34 17.30
CA TRP B 149 -13.03 -20.77 16.00
C TRP B 149 -12.57 -19.56 15.19
N ASN B 150 -11.43 -19.70 14.52
CA ASN B 150 -10.77 -18.60 13.82
C ASN B 150 -10.95 -18.75 12.31
N VAL B 151 -10.86 -17.61 11.61
CA VAL B 151 -10.95 -17.56 10.15
C VAL B 151 -9.66 -17.00 9.59
N VAL B 152 -9.50 -17.14 8.27
CA VAL B 152 -8.54 -16.36 7.51
C VAL B 152 -9.12 -16.10 6.12
N PRO B 153 -9.17 -14.84 5.68
CA PRO B 153 -9.75 -14.53 4.37
C PRO B 153 -8.76 -14.73 3.23
N ASN B 154 -9.13 -14.28 2.04
CA ASN B 154 -8.21 -14.31 0.91
C ASN B 154 -7.15 -13.21 1.01
N ALA B 155 -7.57 -11.98 1.30
CA ALA B 155 -6.63 -10.87 1.40
C ALA B 155 -6.97 -9.86 2.49
N GLY B 156 -7.96 -10.11 3.34
CA GLY B 156 -8.47 -9.11 4.25
C GLY B 156 -7.95 -9.27 5.67
N ILE B 157 -8.72 -8.71 6.60
CA ILE B 157 -8.40 -8.74 8.02
C ILE B 157 -9.10 -9.94 8.66
N LEU B 158 -8.37 -10.68 9.51
CA LEU B 158 -8.91 -11.88 10.14
C LEU B 158 -9.28 -11.62 11.59
N PRO B 159 -10.58 -11.67 11.94
CA PRO B 159 -10.97 -11.62 13.36
C PRO B 159 -11.14 -13.01 13.96
N LEU B 160 -11.48 -13.06 15.24
CA LEU B 160 -11.89 -14.31 15.89
C LEU B 160 -13.39 -14.25 16.16
N VAL B 161 -14.07 -15.37 15.93
CA VAL B 161 -15.51 -15.48 16.15
C VAL B 161 -15.74 -16.57 17.19
N THR B 162 -16.29 -16.18 18.33
CA THR B 162 -16.60 -17.12 19.41
C THR B 162 -18.04 -17.58 19.30
N GLY B 163 -18.26 -18.87 19.52
CA GLY B 163 -19.59 -19.44 19.48
C GLY B 163 -20.36 -19.25 20.77
N SER B 164 -21.46 -19.96 20.86
CA SER B 164 -22.34 -19.91 22.03
C SER B 164 -22.29 -21.23 22.78
N GLY B 165 -22.64 -21.16 24.07
CA GLY B 165 -22.66 -22.34 24.91
C GLY B 165 -21.58 -22.37 25.96
N HIS B 166 -21.94 -22.04 27.20
CA HIS B 166 -21.03 -22.08 28.34
C HIS B 166 -21.44 -23.25 29.23
N VAL B 167 -20.61 -24.28 29.28
CA VAL B 167 -20.90 -25.49 30.06
C VAL B 167 -20.12 -25.41 31.37
N SER B 168 -20.84 -25.46 32.48
CA SER B 168 -20.25 -25.37 33.81
C SER B 168 -20.22 -26.75 34.45
N VAL B 169 -19.03 -27.22 34.81
CA VAL B 169 -18.81 -28.57 35.32
C VAL B 169 -18.13 -28.44 36.68
N PRO B 170 -18.60 -29.14 37.71
CA PRO B 170 -17.90 -29.15 39.00
C PRO B 170 -16.71 -30.10 38.99
N PHE B 171 -16.02 -30.18 40.12
CA PHE B 171 -14.81 -30.98 40.22
C PHE B 171 -14.53 -31.30 41.68
N PRO B 172 -14.19 -32.55 42.01
CA PRO B 172 -13.96 -32.91 43.41
C PRO B 172 -12.60 -32.41 43.92
N ASP B 173 -12.30 -32.75 45.17
CA ASP B 173 -11.09 -32.23 45.81
C ASP B 173 -9.85 -33.03 45.44
N THR B 174 -9.78 -34.32 45.81
CA THR B 174 -8.62 -35.17 45.54
C THR B 174 -9.16 -36.53 45.09
N TYR B 175 -9.23 -36.74 43.78
CA TYR B 175 -9.74 -37.99 43.22
C TYR B 175 -9.18 -38.12 41.81
N GLU B 176 -9.02 -39.38 41.37
CA GLU B 176 -8.14 -39.69 40.25
C GLU B 176 -8.87 -39.78 38.92
N ILE B 177 -9.83 -40.71 38.77
CA ILE B 177 -10.51 -40.95 37.51
C ILE B 177 -12.01 -41.01 37.75
N THR B 178 -12.79 -40.37 36.88
CA THR B 178 -14.22 -40.28 37.07
C THR B 178 -14.93 -40.37 35.72
N LYS B 179 -15.89 -41.28 35.62
CA LYS B 179 -16.76 -41.38 34.44
C LYS B 179 -17.97 -40.51 34.69
N SER B 180 -17.83 -39.22 34.39
CA SER B 180 -18.87 -38.24 34.68
C SER B 180 -19.93 -38.24 33.57
N TYR B 181 -20.82 -37.26 33.61
CA TYR B 181 -21.87 -37.13 32.62
C TYR B 181 -21.86 -35.74 32.00
N TRP C 51 11.17 12.67 -29.17
CA TRP C 51 10.92 11.90 -27.96
C TRP C 51 9.45 12.00 -27.54
N ASP C 52 9.01 13.22 -27.25
CA ASP C 52 7.65 13.45 -26.76
C ASP C 52 7.28 14.90 -27.09
N GLY C 53 5.97 15.16 -27.13
CA GLY C 53 5.49 16.52 -27.37
C GLY C 53 5.85 17.48 -26.26
N SER C 54 5.98 16.97 -25.03
CA SER C 54 6.49 17.79 -23.94
C SER C 54 7.95 18.16 -24.16
N ALA C 55 8.73 17.23 -24.73
CA ALA C 55 10.09 17.55 -25.11
C ALA C 55 10.14 18.53 -26.28
N VAL C 56 9.13 18.47 -27.17
CA VAL C 56 9.00 19.46 -28.24
C VAL C 56 8.72 20.84 -27.66
N LYS C 57 7.86 20.92 -26.64
CA LYS C 57 7.57 22.19 -25.99
C LYS C 57 8.79 22.71 -25.24
N ASN C 58 9.57 21.81 -24.63
CA ASN C 58 10.79 22.22 -23.93
C ASN C 58 11.84 22.75 -24.90
N SER C 59 12.02 22.05 -26.03
CA SER C 59 12.95 22.52 -27.06
C SER C 59 12.46 23.80 -27.72
N LEU C 60 11.14 23.99 -27.79
CA LEU C 60 10.59 25.22 -28.36
C LEU C 60 10.85 26.41 -27.44
N ASP C 61 10.67 26.22 -26.13
CA ASP C 61 10.97 27.27 -25.17
C ASP C 61 12.47 27.56 -25.12
N ASP C 62 13.30 26.51 -25.23
CA ASP C 62 14.75 26.71 -25.27
C ASP C 62 15.17 27.44 -26.54
N SER C 63 14.51 27.15 -27.67
CA SER C 63 14.80 27.85 -28.91
C SER C 63 14.35 29.31 -28.85
N ALA C 64 13.24 29.58 -28.17
CA ALA C 64 12.80 30.96 -27.97
C ALA C 64 13.79 31.73 -27.10
N LYS C 65 14.32 31.08 -26.06
CA LYS C 65 15.34 31.72 -25.23
C LYS C 65 16.65 31.92 -26.00
N LYS C 66 16.97 31.00 -26.91
CA LYS C 66 18.18 31.15 -27.74
C LYS C 66 18.02 32.29 -28.75
N VAL C 67 16.82 32.44 -29.33
CA VAL C 67 16.56 33.57 -30.23
C VAL C 67 16.60 34.89 -29.46
N LEU C 68 16.08 34.90 -28.23
CA LEU C 68 16.15 36.10 -27.40
C LEU C 68 17.58 36.47 -27.05
N LEU C 69 18.40 35.46 -26.72
CA LEU C 69 19.81 35.71 -26.39
C LEU C 69 20.62 36.10 -27.61
N GLU C 70 20.27 35.60 -28.79
CA GLU C 70 21.01 35.97 -30.00
C GLU C 70 20.60 37.32 -30.55
N LYS C 71 19.37 37.77 -30.28
CA LYS C 71 18.87 38.98 -30.91
C LYS C 71 18.80 40.19 -30.00
N TYR C 72 18.36 40.05 -28.74
CA TYR C 72 18.06 41.24 -27.94
C TYR C 72 18.70 41.26 -26.55
N LYS C 73 19.04 40.12 -25.95
CA LYS C 73 19.89 40.02 -24.76
C LYS C 73 19.30 40.72 -23.53
N TYR C 74 18.15 40.23 -23.08
CA TYR C 74 17.53 40.77 -21.87
C TYR C 74 17.99 39.95 -20.65
N VAL C 75 17.60 40.41 -19.46
CA VAL C 75 18.14 39.91 -18.20
C VAL C 75 17.19 38.88 -17.61
N GLU C 76 17.71 37.69 -17.31
CA GLU C 76 16.91 36.59 -16.77
C GLU C 76 16.49 36.87 -15.32
N ASN C 77 15.54 36.09 -14.84
CA ASN C 77 15.16 36.12 -13.43
C ASN C 77 14.97 34.71 -12.90
N PHE C 78 14.72 34.62 -11.60
CA PHE C 78 14.42 33.37 -10.91
C PHE C 78 13.39 33.68 -9.83
N GLY C 79 13.23 32.77 -8.88
CA GLY C 79 12.42 33.03 -7.70
C GLY C 79 11.33 32.00 -7.42
N LEU C 80 10.63 31.54 -8.45
CA LEU C 80 9.60 30.52 -8.22
C LEU C 80 10.24 29.15 -8.02
N ILE C 81 11.20 28.80 -8.89
CA ILE C 81 11.95 27.56 -8.72
C ILE C 81 12.80 27.63 -7.45
N ASP C 82 13.31 28.82 -7.12
CA ASP C 82 14.06 29.00 -5.88
C ASP C 82 13.16 28.84 -4.65
N GLY C 83 11.92 29.30 -4.73
CA GLY C 83 10.99 29.09 -3.62
C GLY C 83 10.58 27.63 -3.47
N ARG C 84 10.41 26.94 -4.59
CA ARG C 84 10.13 25.50 -4.54
C ARG C 84 11.30 24.72 -3.94
N LEU C 85 12.53 25.08 -4.33
CA LEU C 85 13.71 24.46 -3.73
C LEU C 85 13.88 24.82 -2.26
N THR C 86 13.42 26.02 -1.86
CA THR C 86 13.45 26.39 -0.45
C THR C 86 12.47 25.56 0.37
N ILE C 87 11.26 25.35 -0.15
CA ILE C 87 10.26 24.50 0.51
C ILE C 87 10.75 23.07 0.60
N CYS C 88 11.36 22.56 -0.48
CA CYS C 88 11.88 21.19 -0.46
C CYS C 88 13.10 21.06 0.46
N THR C 89 13.91 22.12 0.58
CA THR C 89 15.03 22.09 1.51
C THR C 89 14.57 22.09 2.96
N ILE C 90 13.50 22.85 3.26
CA ILE C 90 12.95 22.84 4.60
C ILE C 90 12.30 21.48 4.93
N SER C 91 11.63 20.88 3.94
CA SER C 91 11.05 19.55 4.16
C SER C 91 12.13 18.48 4.32
N CYS C 92 13.24 18.61 3.59
CA CYS C 92 14.38 17.73 3.81
C CYS C 92 15.03 17.96 5.17
N PHE C 93 14.98 19.20 5.68
CA PHE C 93 15.47 19.46 7.03
C PHE C 93 14.61 18.75 8.07
N PHE C 94 13.28 18.80 7.90
CA PHE C 94 12.37 18.03 8.75
C PHE C 94 12.66 16.54 8.66
N ALA C 95 12.91 16.04 7.45
CA ALA C 95 13.17 14.61 7.26
C ALA C 95 14.49 14.19 7.90
N ILE C 96 15.55 14.98 7.75
CA ILE C 96 16.85 14.63 8.31
C ILE C 96 16.82 14.70 9.84
N VAL C 97 16.14 15.70 10.40
CA VAL C 97 15.99 15.78 11.85
C VAL C 97 15.17 14.60 12.38
N ALA C 98 14.13 14.20 11.63
CA ALA C 98 13.31 13.07 12.05
C ALA C 98 14.08 11.75 11.98
N LEU C 99 14.88 11.55 10.93
CA LEU C 99 15.67 10.33 10.83
C LEU C 99 16.76 10.25 11.89
N ILE C 100 17.46 11.37 12.16
CA ILE C 100 18.50 11.34 13.18
C ILE C 100 17.91 11.15 14.58
N TRP C 101 16.79 11.83 14.85
CA TRP C 101 16.15 11.71 16.16
C TRP C 101 15.46 10.36 16.36
N ASP C 102 15.08 9.67 15.28
CA ASP C 102 14.57 8.31 15.42
C ASP C 102 15.68 7.28 15.49
N TYR C 103 16.83 7.55 14.87
CA TYR C 103 17.94 6.61 14.93
C TYR C 103 18.68 6.71 16.27
N MET C 104 18.62 7.86 16.93
CA MET C 104 19.32 8.02 18.21
C MET C 104 18.42 7.77 19.42
N HIS C 105 17.12 7.63 19.24
CA HIS C 105 16.20 7.48 20.37
C HIS C 105 15.14 6.43 20.07
N PRO C 106 14.70 5.67 21.07
CA PRO C 106 13.69 4.62 20.81
C PRO C 106 12.30 5.22 20.58
N PHE C 107 11.45 4.40 19.96
CA PHE C 107 10.16 4.89 19.46
C PHE C 107 9.12 5.22 20.52
N PRO C 108 8.86 4.41 21.58
CA PRO C 108 7.83 4.82 22.56
C PRO C 108 8.21 6.02 23.41
N GLU C 109 9.47 6.46 23.40
CA GLU C 109 9.84 7.73 23.99
C GLU C 109 9.99 8.84 22.96
N SER C 110 9.73 8.54 21.68
CA SER C 110 9.87 9.52 20.61
C SER C 110 8.64 9.57 19.69
N LYS C 111 7.51 9.05 20.14
CA LYS C 111 6.29 9.09 19.33
C LYS C 111 5.71 10.50 19.07
N PRO C 112 5.46 11.38 20.07
CA PRO C 112 4.60 12.54 19.78
C PRO C 112 5.24 13.62 18.92
N VAL C 113 6.53 13.92 19.12
CA VAL C 113 7.16 14.96 18.30
C VAL C 113 7.43 14.42 16.89
N LEU C 114 7.61 13.10 16.75
CA LEU C 114 7.66 12.52 15.41
C LEU C 114 6.33 12.61 14.70
N ALA C 115 5.22 12.43 15.43
CA ALA C 115 3.90 12.65 14.86
C ALA C 115 3.70 14.11 14.48
N LEU C 116 4.24 15.03 15.29
CA LEU C 116 4.24 16.45 14.94
C LEU C 116 5.06 16.74 13.69
N CYS C 117 6.16 16.00 13.49
CA CYS C 117 6.93 16.15 12.25
C CYS C 117 6.18 15.61 11.04
N VAL C 118 5.40 14.54 11.22
CA VAL C 118 4.56 14.05 10.13
C VAL C 118 3.47 15.06 9.78
N ILE C 119 2.86 15.68 10.79
CA ILE C 119 1.86 16.72 10.57
C ILE C 119 2.50 17.95 9.91
N SER C 120 3.74 18.27 10.30
CA SER C 120 4.47 19.38 9.69
C SER C 120 4.81 19.09 8.22
N TYR C 121 5.13 17.84 7.91
CA TYR C 121 5.33 17.45 6.51
C TYR C 121 4.05 17.58 5.71
N PHE C 122 2.92 17.21 6.31
CA PHE C 122 1.61 17.38 5.66
C PHE C 122 1.33 18.86 5.39
N VAL C 123 1.62 19.72 6.36
CA VAL C 123 1.39 21.16 6.20
C VAL C 123 2.30 21.75 5.14
N MET C 124 3.58 21.35 5.12
CA MET C 124 4.53 21.88 4.15
C MET C 124 4.21 21.40 2.74
N MET C 125 3.76 20.15 2.58
CA MET C 125 3.36 19.69 1.25
C MET C 125 2.05 20.31 0.80
N GLY C 126 1.14 20.62 1.73
CA GLY C 126 -0.05 21.36 1.36
C GLY C 126 0.24 22.79 0.94
N ILE C 127 1.18 23.43 1.62
CA ILE C 127 1.62 24.78 1.25
C ILE C 127 2.35 24.74 -0.10
N LEU C 128 3.10 23.66 -0.36
CA LEU C 128 3.74 23.49 -1.67
C LEU C 128 2.71 23.30 -2.78
N THR C 129 1.63 22.57 -2.49
CA THR C 129 0.56 22.39 -3.47
C THR C 129 -0.18 23.70 -3.74
N ILE C 130 -0.41 24.50 -2.69
CA ILE C 130 -1.08 25.79 -2.86
C ILE C 130 -0.20 26.78 -3.62
N TYR C 131 1.12 26.78 -3.34
CA TYR C 131 2.03 27.63 -4.10
C TYR C 131 2.24 27.14 -5.52
N THR C 132 2.05 25.84 -5.77
CA THR C 132 1.99 25.34 -7.14
C THR C 132 0.76 25.87 -7.86
N SER C 133 -0.40 25.82 -7.20
CA SER C 133 -1.64 26.32 -7.79
C SER C 133 -1.66 27.83 -7.94
N TYR C 134 -0.81 28.55 -7.20
CA TYR C 134 -0.70 30.00 -7.39
C TYR C 134 -0.08 30.35 -8.74
N LYS C 135 1.17 29.93 -8.97
CA LYS C 135 1.95 30.43 -10.09
C LYS C 135 2.42 29.38 -11.07
N GLU C 136 2.38 28.09 -10.73
CA GLU C 136 2.92 27.05 -11.60
C GLU C 136 1.85 26.48 -12.53
N LYS C 137 0.85 27.27 -12.90
CA LYS C 137 -0.12 26.80 -13.89
C LYS C 137 0.45 26.86 -15.30
N SER C 138 0.87 28.05 -15.74
CA SER C 138 1.36 28.21 -17.10
C SER C 138 2.64 29.03 -17.22
N ILE C 139 3.05 29.79 -16.21
CA ILE C 139 4.12 30.77 -16.34
C ILE C 139 5.47 30.05 -16.39
N PHE C 140 6.30 30.41 -17.37
CA PHE C 140 7.58 29.76 -17.59
C PHE C 140 8.76 30.70 -17.39
N LEU C 141 8.79 31.83 -18.09
CA LEU C 141 9.98 32.68 -18.16
C LEU C 141 9.68 34.06 -17.58
N VAL C 142 10.59 34.53 -16.72
CA VAL C 142 10.51 35.85 -16.12
C VAL C 142 11.81 36.60 -16.42
N ALA C 143 11.69 37.80 -16.96
CA ALA C 143 12.86 38.56 -17.39
C ALA C 143 12.62 40.07 -17.22
N HIS C 144 13.68 40.78 -16.87
CA HIS C 144 13.71 42.22 -16.91
C HIS C 144 14.36 42.68 -18.21
N ARG C 145 13.92 43.84 -18.70
CA ARG C 145 14.42 44.38 -19.95
C ARG C 145 15.65 45.26 -19.71
N LYS C 146 16.05 45.99 -20.74
CA LYS C 146 17.30 46.74 -20.70
C LYS C 146 17.11 48.07 -19.97
N ASP C 147 18.10 48.41 -19.14
CA ASP C 147 18.24 49.65 -18.36
C ASP C 147 17.02 50.02 -17.51
N PRO C 148 16.74 49.31 -16.38
CA PRO C 148 15.74 49.78 -15.42
C PRO C 148 16.35 50.69 -14.35
N THR C 149 17.12 51.68 -14.78
CA THR C 149 17.93 52.49 -13.89
C THR C 149 17.39 53.92 -13.83
N GLY C 150 17.43 54.52 -12.64
CA GLY C 150 17.02 55.89 -12.46
C GLY C 150 15.55 56.09 -12.16
N MET C 151 14.71 55.10 -12.42
CA MET C 151 13.27 55.23 -12.21
C MET C 151 12.73 54.07 -11.38
N ASP C 152 11.41 53.97 -11.30
CA ASP C 152 10.76 52.84 -10.66
C ASP C 152 11.01 51.57 -11.49
N PRO C 153 11.00 50.37 -10.84
CA PRO C 153 11.27 49.14 -11.60
C PRO C 153 10.13 48.77 -12.54
N ASP C 154 10.37 49.01 -13.83
CA ASP C 154 9.42 48.71 -14.89
C ASP C 154 9.76 47.36 -15.52
N ASP C 155 9.16 47.10 -16.68
CA ASP C 155 9.63 46.11 -17.67
C ASP C 155 9.56 44.67 -17.14
N ILE C 156 8.38 44.27 -16.69
CA ILE C 156 8.13 42.88 -16.30
C ILE C 156 7.69 42.14 -17.56
N TRP C 157 8.56 41.28 -18.06
CA TRP C 157 8.30 40.50 -19.27
C TRP C 157 8.06 39.05 -18.86
N GLN C 158 6.86 38.56 -19.14
CA GLN C 158 6.39 37.29 -18.58
C GLN C 158 5.85 36.42 -19.71
N LEU C 159 6.15 35.12 -19.64
CA LEU C 159 5.83 34.19 -20.71
C LEU C 159 5.01 33.03 -20.16
N SER C 160 4.04 32.57 -20.94
CA SER C 160 3.32 31.35 -20.60
C SER C 160 3.00 30.58 -21.87
N SER C 161 3.03 29.25 -21.76
CA SER C 161 2.80 28.36 -22.88
C SER C 161 1.58 27.48 -22.61
N SER C 162 1.01 26.95 -23.70
CA SER C 162 -0.13 26.06 -23.60
C SER C 162 -0.13 25.11 -24.78
N LEU C 163 -0.10 23.81 -24.48
CA LEU C 163 -0.15 22.76 -25.49
C LEU C 163 -0.98 21.63 -24.90
N LYS C 164 -2.20 21.45 -25.41
CA LYS C 164 -3.10 20.47 -24.86
C LYS C 164 -2.68 19.06 -25.27
N ARG C 165 -3.24 18.07 -24.57
CA ARG C 165 -2.96 16.67 -24.86
C ARG C 165 -3.61 16.27 -26.18
N PHE C 166 -2.80 15.77 -27.11
CA PHE C 166 -3.20 15.33 -28.45
C PHE C 166 -3.88 16.47 -29.21
N ASP C 167 -3.10 17.50 -29.49
CA ASP C 167 -3.57 18.68 -30.20
C ASP C 167 -2.50 19.15 -31.17
N ASP C 168 -2.96 19.72 -32.29
CA ASP C 168 -2.07 20.29 -33.30
C ASP C 168 -2.04 21.82 -33.24
N LYS C 169 -2.41 22.40 -32.10
CA LYS C 169 -2.44 23.85 -31.93
C LYS C 169 -1.66 24.23 -30.69
N TYR C 170 -0.97 25.37 -30.78
CA TYR C 170 -0.10 25.86 -29.71
C TYR C 170 -0.54 27.27 -29.32
N THR C 171 -0.43 27.60 -28.04
CA THR C 171 -0.82 28.91 -27.54
C THR C 171 0.35 29.49 -26.75
N LEU C 172 0.72 30.73 -27.08
CA LEU C 172 1.78 31.44 -26.37
C LEU C 172 1.23 32.78 -25.90
N LYS C 173 1.29 33.04 -24.61
CA LYS C 173 0.79 34.29 -24.04
C LYS C 173 1.95 35.09 -23.47
N LEU C 174 2.13 36.29 -24.00
CA LEU C 174 3.13 37.24 -23.55
C LEU C 174 2.49 38.30 -22.67
N THR C 175 3.24 38.77 -21.69
CA THR C 175 2.74 39.78 -20.76
C THR C 175 3.82 40.82 -20.52
N PHE C 176 3.49 42.09 -20.76
CA PHE C 176 4.38 43.21 -20.52
C PHE C 176 3.74 44.11 -19.47
N ILE C 177 4.35 44.18 -18.28
CA ILE C 177 3.83 44.99 -17.19
C ILE C 177 4.79 46.17 -16.98
N SER C 178 4.24 47.38 -17.10
CA SER C 178 4.99 48.61 -16.85
C SER C 178 4.42 49.31 -15.63
N GLY C 179 5.31 49.77 -14.75
CA GLY C 179 4.93 50.31 -13.46
C GLY C 179 4.85 51.81 -13.36
N ARG C 180 5.31 52.52 -14.39
CA ARG C 180 5.19 53.98 -14.39
C ARG C 180 3.74 54.40 -14.56
N THR C 181 3.05 53.81 -15.53
CA THR C 181 1.64 54.10 -15.76
C THR C 181 0.72 53.02 -15.23
N LYS C 182 1.28 51.94 -14.66
CA LYS C 182 0.56 50.77 -14.15
C LYS C 182 -0.32 50.15 -15.24
N GLN C 183 0.36 49.63 -16.25
CA GLN C 183 -0.31 49.05 -17.42
C GLN C 183 0.22 47.66 -17.70
N GLN C 184 -0.69 46.71 -17.84
CA GLN C 184 -0.37 45.37 -18.30
C GLN C 184 -0.82 45.21 -19.74
N ARG C 185 -0.02 44.49 -20.53
CA ARG C 185 -0.30 44.26 -21.94
C ARG C 185 -0.22 42.76 -22.19
N GLU C 186 -1.34 42.17 -22.57
CA GLU C 186 -1.43 40.75 -22.88
C GLU C 186 -1.32 40.54 -24.38
N ALA C 187 -0.77 39.38 -24.76
CA ALA C 187 -0.63 39.00 -26.16
C ALA C 187 -0.89 37.50 -26.27
N GLU C 188 -2.05 37.14 -26.81
CA GLU C 188 -2.43 35.74 -26.99
C GLU C 188 -2.15 35.36 -28.44
N PHE C 189 -1.30 34.34 -28.62
CA PHE C 189 -0.81 33.93 -29.94
C PHE C 189 -1.17 32.47 -30.12
N THR C 190 -2.25 32.20 -30.88
CA THR C 190 -2.71 30.84 -31.14
C THR C 190 -2.30 30.47 -32.56
N LYS C 191 -1.36 29.53 -32.67
CA LYS C 191 -0.85 29.10 -33.97
C LYS C 191 -1.07 27.60 -34.15
N SER C 192 -0.89 27.16 -35.39
CA SER C 192 -0.91 25.74 -35.73
C SER C 192 0.53 25.24 -35.85
N ILE C 193 0.80 24.08 -35.27
CA ILE C 193 2.17 23.57 -35.26
C ILE C 193 2.57 22.95 -36.59
N ALA C 194 1.62 22.64 -37.47
CA ALA C 194 1.90 21.92 -38.71
C ALA C 194 2.68 22.76 -39.73
N LYS C 195 2.75 24.08 -39.54
CA LYS C 195 3.49 24.93 -40.47
C LYS C 195 5.00 24.95 -40.19
N PHE C 196 5.45 24.30 -39.12
CA PHE C 196 6.87 24.31 -38.75
C PHE C 196 7.55 22.97 -38.85
N PHE C 197 6.83 21.86 -38.66
CA PHE C 197 7.46 20.55 -38.70
C PHE C 197 7.66 20.09 -40.14
N ASP C 198 8.45 19.03 -40.30
CA ASP C 198 8.68 18.41 -41.60
C ASP C 198 8.39 16.90 -41.54
N HIS C 199 8.80 16.18 -42.58
CA HIS C 199 8.32 14.81 -42.77
C HIS C 199 9.01 13.82 -41.84
N SER C 200 10.33 13.92 -41.67
CA SER C 200 11.06 12.88 -40.95
C SER C 200 12.12 13.47 -40.03
N GLY C 201 11.79 14.55 -39.31
CA GLY C 201 12.63 14.96 -38.21
C GLY C 201 13.53 16.17 -38.41
N THR C 202 13.07 17.16 -39.16
CA THR C 202 13.81 18.41 -39.34
C THR C 202 12.88 19.58 -39.03
N LEU C 203 12.90 20.03 -37.78
CA LEU C 203 12.13 21.20 -37.35
C LEU C 203 12.87 22.45 -37.79
N VAL C 204 12.28 23.18 -38.74
CA VAL C 204 12.95 24.32 -39.36
C VAL C 204 12.97 25.50 -38.41
N MET C 205 14.18 25.96 -38.06
CA MET C 205 14.33 27.19 -37.28
C MET C 205 14.51 28.42 -38.16
N ASP C 206 14.91 28.25 -39.42
CA ASP C 206 15.09 29.35 -40.35
C ASP C 206 13.78 30.00 -40.77
N ALA C 207 12.65 29.32 -40.57
CA ALA C 207 11.34 29.94 -40.73
C ALA C 207 10.70 30.31 -39.41
N TYR C 208 11.15 29.72 -38.31
CA TYR C 208 10.59 30.06 -37.00
C TYR C 208 11.21 31.35 -36.45
N GLU C 209 12.45 31.65 -36.84
CA GLU C 209 13.12 32.88 -36.41
C GLU C 209 12.50 34.17 -36.98
N PRO C 210 12.09 34.26 -38.26
CA PRO C 210 11.31 35.43 -38.68
C PRO C 210 9.92 35.50 -38.04
N GLU C 211 9.35 34.37 -37.62
CA GLU C 211 8.10 34.40 -36.88
C GLU C 211 8.28 35.05 -35.52
N ILE C 212 9.35 34.69 -34.81
CA ILE C 212 9.65 35.33 -33.53
C ILE C 212 10.08 36.79 -33.75
N SER C 213 10.65 37.11 -34.92
CA SER C 213 10.94 38.49 -35.24
C SER C 213 9.66 39.32 -35.43
N ARG C 214 8.65 38.75 -36.10
CA ARG C 214 7.38 39.45 -36.25
C ARG C 214 6.63 39.55 -34.93
N LEU C 215 6.74 38.53 -34.08
CA LEU C 215 6.17 38.61 -32.73
C LEU C 215 6.84 39.68 -31.89
N HIS C 216 8.18 39.81 -31.99
CA HIS C 216 8.85 40.86 -31.24
C HIS C 216 8.56 42.24 -31.83
N ASP C 217 8.29 42.33 -33.14
CA ASP C 217 7.83 43.59 -33.71
C ASP C 217 6.45 43.96 -33.20
N SER C 218 5.56 42.96 -33.03
CA SER C 218 4.24 43.22 -32.46
C SER C 218 4.34 43.65 -31.00
N LEU C 219 5.24 43.02 -30.23
CA LEU C 219 5.46 43.45 -28.85
C LEU C 219 6.14 44.82 -28.79
N ALA C 220 6.94 45.18 -29.80
CA ALA C 220 7.51 46.53 -29.84
C ALA C 220 6.45 47.58 -30.17
N ILE C 221 5.48 47.22 -31.00
CA ILE C 221 4.34 48.12 -31.26
C ILE C 221 3.49 48.26 -30.00
N GLU C 222 3.31 47.17 -29.26
CA GLU C 222 2.57 47.23 -28.00
C GLU C 222 3.31 48.04 -26.94
N ARG C 223 4.64 47.99 -26.96
CA ARG C 223 5.44 48.73 -25.98
C ARG C 223 5.47 50.22 -26.32
N LYS C 224 5.91 50.57 -27.53
CA LYS C 224 6.00 51.96 -27.94
C LYS C 224 4.70 52.43 -28.60
N PRO D 67 27.05 23.54 -34.43
CA PRO D 67 26.13 24.48 -35.06
C PRO D 67 24.69 24.25 -34.64
N ALA D 68 23.74 24.90 -35.33
CA ALA D 68 22.33 24.74 -35.05
C ALA D 68 21.72 23.52 -35.73
N MET D 69 22.50 22.78 -36.52
CA MET D 69 21.98 21.61 -37.20
C MET D 69 21.88 20.39 -36.31
N LEU D 70 22.51 20.41 -35.14
CA LEU D 70 22.40 19.28 -34.22
C LEU D 70 21.07 19.28 -33.50
N GLU D 71 20.59 20.46 -33.11
CA GLU D 71 19.25 20.58 -32.52
C GLU D 71 18.18 20.41 -33.59
N HIS D 72 18.52 20.68 -34.85
CA HIS D 72 17.59 20.62 -35.96
C HIS D 72 17.12 19.21 -36.28
N LEU D 73 17.87 18.18 -35.87
CA LEU D 73 17.56 16.80 -36.23
C LEU D 73 16.84 16.03 -35.13
N SER D 74 17.24 16.18 -33.86
CA SER D 74 16.66 15.40 -32.78
C SER D 74 15.52 16.15 -32.09
N SER D 75 14.49 16.45 -32.88
CA SER D 75 13.35 17.23 -32.41
C SER D 75 12.02 16.50 -32.54
N LEU D 76 11.78 15.86 -33.69
CA LEU D 76 10.43 15.45 -34.08
C LEU D 76 10.18 13.99 -33.74
N PRO D 77 9.18 13.69 -32.88
CA PRO D 77 8.80 12.28 -32.65
C PRO D 77 7.81 11.80 -33.70
N THR D 78 7.27 10.58 -33.51
CA THR D 78 6.34 10.01 -34.46
C THR D 78 5.01 10.77 -34.46
N GLN D 79 4.60 11.24 -35.64
CA GLN D 79 3.37 12.01 -35.77
C GLN D 79 2.15 11.10 -35.57
N MET D 80 1.14 11.64 -34.91
CA MET D 80 0.00 10.87 -34.46
C MET D 80 -1.32 11.50 -34.92
N ASP D 81 -2.31 10.65 -35.17
CA ASP D 81 -3.68 11.10 -35.38
C ASP D 81 -4.35 11.32 -34.03
N TYR D 82 -4.59 12.59 -33.70
CA TYR D 82 -4.95 12.94 -32.33
C TYR D 82 -6.39 12.54 -31.99
N LYS D 83 -7.33 12.80 -32.89
CA LYS D 83 -8.73 12.47 -32.63
C LYS D 83 -8.97 10.98 -32.65
N GLY D 84 -8.30 10.27 -33.57
CA GLY D 84 -8.43 8.82 -33.61
C GLY D 84 -7.87 8.14 -32.38
N GLN D 85 -6.72 8.62 -31.88
CA GLN D 85 -6.14 8.04 -30.67
C GLN D 85 -6.96 8.40 -29.43
N LYS D 86 -7.55 9.60 -29.40
CA LYS D 86 -8.39 9.97 -28.26
C LYS D 86 -9.67 9.11 -28.23
N LEU D 87 -10.32 8.94 -29.38
CA LEU D 87 -11.50 8.08 -29.43
C LEU D 87 -11.16 6.62 -29.19
N ALA D 88 -9.97 6.18 -29.63
CA ALA D 88 -9.53 4.82 -29.37
C ALA D 88 -9.24 4.59 -27.89
N GLU D 89 -8.68 5.60 -27.21
CA GLU D 89 -8.42 5.48 -25.78
C GLU D 89 -9.72 5.49 -24.98
N GLN D 90 -10.69 6.30 -25.41
CA GLN D 90 -11.99 6.33 -24.74
C GLN D 90 -12.73 5.01 -24.92
N MET D 91 -12.75 4.47 -26.14
CA MET D 91 -13.36 3.17 -26.39
C MET D 91 -12.60 2.05 -25.70
N PHE D 92 -11.28 2.19 -25.57
CA PHE D 92 -10.44 1.21 -24.88
C PHE D 92 -10.79 1.14 -23.41
N GLN D 93 -10.84 2.30 -22.74
CA GLN D 93 -11.22 2.35 -21.34
C GLN D 93 -12.67 1.92 -21.13
N GLY D 94 -13.55 2.21 -22.09
CA GLY D 94 -14.92 1.74 -21.98
C GLY D 94 -15.05 0.24 -22.08
N ILE D 95 -14.31 -0.39 -23.00
CA ILE D 95 -14.36 -1.84 -23.15
C ILE D 95 -13.73 -2.54 -21.94
N ILE D 96 -12.62 -1.99 -21.43
CA ILE D 96 -11.97 -2.59 -20.25
C ILE D 96 -12.85 -2.44 -19.01
N LEU D 97 -13.49 -1.27 -18.84
CA LEU D 97 -14.38 -1.08 -17.70
C LEU D 97 -15.65 -1.94 -17.81
N PHE D 98 -16.16 -2.13 -19.03
CA PHE D 98 -17.33 -2.98 -19.21
C PHE D 98 -17.00 -4.44 -18.96
N SER D 99 -15.81 -4.88 -19.39
CA SER D 99 -15.37 -6.25 -19.09
C SER D 99 -15.14 -6.43 -17.60
N ALA D 100 -14.66 -5.40 -16.91
CA ALA D 100 -14.50 -5.47 -15.46
C ALA D 100 -15.85 -5.55 -14.75
N ILE D 101 -16.85 -4.82 -15.26
CA ILE D 101 -18.18 -4.87 -14.67
C ILE D 101 -18.84 -6.24 -14.91
N VAL D 102 -18.65 -6.81 -16.11
CA VAL D 102 -19.17 -8.15 -16.41
C VAL D 102 -18.48 -9.20 -15.54
N GLY D 103 -17.17 -9.06 -15.32
CA GLY D 103 -16.47 -9.95 -14.42
C GLY D 103 -16.88 -9.80 -12.97
N PHE D 104 -17.23 -8.57 -12.55
CA PHE D 104 -17.72 -8.36 -11.20
C PHE D 104 -19.11 -8.98 -11.01
N ILE D 105 -19.97 -8.87 -12.02
CA ILE D 105 -21.28 -9.51 -11.96
C ILE D 105 -21.14 -11.03 -11.97
N TYR D 106 -20.16 -11.55 -12.71
CA TYR D 106 -19.87 -12.99 -12.69
C TYR D 106 -19.38 -13.44 -11.32
N GLY D 107 -18.50 -12.66 -10.70
CA GLY D 107 -18.03 -12.97 -9.36
C GLY D 107 -19.05 -12.76 -8.27
N TYR D 108 -20.10 -11.96 -8.53
CA TYR D 108 -21.18 -11.79 -7.57
C TYR D 108 -22.24 -12.88 -7.70
N VAL D 109 -22.54 -13.33 -8.92
CA VAL D 109 -23.60 -14.30 -9.13
C VAL D 109 -23.03 -15.72 -9.08
N ALA D 110 -22.09 -16.02 -9.96
CA ALA D 110 -21.49 -17.36 -10.01
C ALA D 110 -20.54 -17.62 -8.84
N GLU D 111 -20.06 -16.55 -8.19
CA GLU D 111 -19.30 -16.61 -6.94
C GLU D 111 -17.99 -17.37 -7.08
N GLN D 112 -17.26 -17.13 -8.16
CA GLN D 112 -15.95 -17.73 -8.41
C GLN D 112 -14.93 -16.62 -8.62
N PHE D 113 -13.76 -16.76 -7.98
CA PHE D 113 -12.73 -15.73 -8.00
C PHE D 113 -11.64 -15.99 -9.03
N GLY D 114 -11.14 -17.23 -9.09
CA GLY D 114 -10.06 -17.53 -10.01
C GLY D 114 -10.49 -17.48 -11.47
N TRP D 115 -11.71 -17.94 -11.74
CA TRP D 115 -12.24 -17.82 -13.10
C TRP D 115 -12.54 -16.37 -13.46
N THR D 116 -12.89 -15.54 -12.47
CA THR D 116 -13.04 -14.10 -12.71
C THR D 116 -11.71 -13.46 -13.07
N VAL D 117 -10.64 -13.83 -12.36
CA VAL D 117 -9.29 -13.36 -12.69
C VAL D 117 -8.87 -13.86 -14.07
N TYR D 118 -9.29 -15.07 -14.44
CA TYR D 118 -8.99 -15.61 -15.77
C TYR D 118 -9.73 -14.84 -16.86
N ILE D 119 -10.98 -14.44 -16.61
CA ILE D 119 -11.72 -13.63 -17.58
C ILE D 119 -11.09 -12.24 -17.71
N VAL D 120 -10.62 -11.67 -16.60
CA VAL D 120 -9.96 -10.37 -16.65
C VAL D 120 -8.64 -10.46 -17.41
N MET D 121 -7.88 -11.54 -17.22
CA MET D 121 -6.64 -11.73 -17.97
C MET D 121 -6.89 -12.03 -19.44
N ALA D 122 -8.01 -12.69 -19.76
CA ALA D 122 -8.36 -12.91 -21.16
C ALA D 122 -8.75 -11.60 -21.84
N GLY D 123 -9.48 -10.73 -21.13
CA GLY D 123 -9.75 -9.41 -21.64
C GLY D 123 -8.50 -8.56 -21.79
N PHE D 124 -7.53 -8.73 -20.89
CA PHE D 124 -6.25 -8.02 -21.01
C PHE D 124 -5.47 -8.52 -22.22
N ALA D 125 -5.52 -9.84 -22.48
CA ALA D 125 -4.83 -10.38 -23.66
C ALA D 125 -5.52 -9.92 -24.95
N PHE D 126 -6.85 -9.82 -24.92
CA PHE D 126 -7.58 -9.28 -26.07
C PHE D 126 -7.22 -7.81 -26.32
N SER D 127 -7.07 -7.04 -25.23
CA SER D 127 -6.67 -5.64 -25.35
C SER D 127 -5.25 -5.51 -25.87
N CYS D 128 -4.36 -6.40 -25.46
CA CYS D 128 -2.99 -6.40 -25.97
C CYS D 128 -2.94 -6.77 -27.45
N LEU D 129 -3.76 -7.74 -27.87
CA LEU D 129 -3.81 -8.12 -29.28
C LEU D 129 -4.45 -7.02 -30.14
N LEU D 130 -5.34 -6.23 -29.56
CA LEU D 130 -5.95 -5.14 -30.31
C LEU D 130 -5.17 -3.83 -30.24
N THR D 131 -4.21 -3.70 -29.33
CA THR D 131 -3.50 -2.44 -29.11
C THR D 131 -2.04 -2.48 -29.53
N LEU D 132 -1.31 -3.57 -29.23
CA LEU D 132 0.16 -3.53 -29.31
C LEU D 132 0.74 -3.45 -30.73
N PRO D 133 0.27 -4.21 -31.74
CA PRO D 133 0.86 -4.03 -33.07
C PRO D 133 0.44 -2.72 -33.70
N PRO D 134 1.36 -2.04 -34.41
CA PRO D 134 0.98 -0.82 -35.14
C PRO D 134 0.08 -1.15 -36.32
N TRP D 135 -1.14 -0.64 -36.29
CA TRP D 135 -2.15 -0.98 -37.28
C TRP D 135 -1.96 -0.14 -38.55
N PRO D 136 -2.36 -0.68 -39.71
CA PRO D 136 -2.40 0.16 -40.92
C PRO D 136 -3.45 1.25 -40.86
N ILE D 137 -4.50 1.07 -40.06
CA ILE D 137 -5.50 2.12 -39.85
C ILE D 137 -4.88 3.29 -39.10
N TYR D 138 -4.00 3.00 -38.15
CA TYR D 138 -3.35 4.04 -37.35
C TYR D 138 -2.25 4.79 -38.09
N ARG D 139 -1.89 4.35 -39.31
CA ARG D 139 -0.98 5.10 -40.16
C ARG D 139 -1.66 5.60 -41.42
N ARG D 140 -2.88 5.15 -41.72
CA ARG D 140 -3.64 5.65 -42.85
C ARG D 140 -4.28 7.01 -42.56
N HIS D 141 -4.82 7.19 -41.35
CA HIS D 141 -5.41 8.46 -40.92
C HIS D 141 -4.41 9.61 -40.75
N PRO D 142 -3.15 9.43 -40.32
CA PRO D 142 -2.19 10.55 -40.43
C PRO D 142 -1.85 10.95 -41.87
N LEU D 143 -2.15 10.12 -42.87
CA LEU D 143 -2.01 10.56 -44.25
C LEU D 143 -3.19 11.42 -44.71
N LYS D 144 -4.24 11.53 -43.91
CA LYS D 144 -5.40 12.36 -44.23
C LYS D 144 -5.60 13.51 -43.26
N TRP D 145 -5.51 13.26 -41.96
CA TRP D 145 -5.72 14.30 -40.97
C TRP D 145 -4.56 15.28 -40.86
N LEU D 146 -3.38 14.91 -41.34
CA LEU D 146 -2.26 15.83 -41.20
C LEU D 146 -1.98 16.56 -42.51
N PRO D 147 -1.64 17.84 -42.44
CA PRO D 147 -1.37 18.60 -43.67
C PRO D 147 -0.04 18.20 -44.29
N VAL D 148 0.18 18.72 -45.50
CA VAL D 148 1.42 18.46 -46.23
C VAL D 148 2.48 19.43 -45.75
N GLN D 149 3.63 18.89 -45.33
CA GLN D 149 4.71 19.68 -44.78
C GLN D 149 5.91 19.67 -45.73
N GLU D 150 6.81 20.64 -45.52
CA GLU D 150 7.91 20.86 -46.43
C GLU D 150 9.02 19.82 -46.20
N SER D 151 10.05 19.90 -47.03
CA SER D 151 11.22 19.02 -46.97
C SER D 151 12.48 19.86 -46.75
N SER D 152 13.63 19.19 -46.81
CA SER D 152 14.91 19.87 -46.65
C SER D 152 15.27 20.70 -47.88
#